data_6UIE
#
_entry.id   6UIE
#
_cell.length_a   56.722
_cell.length_b   81.733
_cell.length_c   96.520
_cell.angle_alpha   90.000
_cell.angle_beta   90.000
_cell.angle_gamma   90.000
#
_symmetry.space_group_name_H-M   'P 21 21 21'
#
loop_
_entity.id
_entity.type
_entity.pdbx_description
1 polymer 'Type III export protein PscK'
2 non-polymer 'CHLORIDE ION'
#
_entity_poly.entity_id   1
_entity_poly.type   'polypeptide(L)'
_entity_poly.pdbx_seq_one_letter_code
;GS(MSE)PLTAYQLRFCPARYIHESHLPAVLLRLLPALPDWRRQSVLNAWLLEQLELDCAFR(MSE)PAQLGGLALYPQA
ALERTLGWLGALLHGQALRQVLDGARVRRIRAQIGEQGQRFCLEQLDLLIGRWPPGWQRALPENPEEGYFRRCGLAFWLA
ACSDADCGFSRRLRLRLRLEA(MSE)PAPADWTFDEQRRSLARTLCLKVARQASDECFHLLN
;
_entity_poly.pdbx_strand_id   A,B
#
loop_
_chem_comp.id
_chem_comp.type
_chem_comp.name
_chem_comp.formula
CL non-polymer 'CHLORIDE ION' 'Cl -1'
#
# COMPACT_ATOMS: atom_id res chain seq x y z
N SER A 2 4.21 0.71 35.01
CA SER A 2 2.95 0.84 34.20
C SER A 2 2.38 2.23 34.26
N MSE A 3 3.14 3.15 34.85
CA MSE A 3 2.60 4.47 35.10
C MSE A 3 2.65 5.31 33.84
O MSE A 3 3.66 5.35 33.13
CB MSE A 3 3.38 5.16 36.19
CG MSE A 3 3.08 4.62 37.56
SE MSE A 3 4.57 5.13 38.71
CE MSE A 3 5.94 4.01 37.86
N PRO A 4 1.53 5.98 33.55
CA PRO A 4 1.51 6.92 32.42
C PRO A 4 2.28 8.21 32.64
N LEU A 5 2.31 9.04 31.60
CA LEU A 5 2.82 10.39 31.64
C LEU A 5 1.67 11.36 31.91
N THR A 6 2.00 12.51 32.44
CA THR A 6 1.00 13.55 32.63
C THR A 6 1.16 14.61 31.55
N ALA A 7 0.07 15.34 31.32
CA ALA A 7 0.13 16.48 30.41
C ALA A 7 1.30 17.39 30.74
N TYR A 8 1.58 17.59 32.03
CA TYR A 8 2.72 18.44 32.39
C TYR A 8 4.01 17.85 31.85
N GLN A 9 4.27 16.58 32.16
CA GLN A 9 5.50 15.94 31.71
C GLN A 9 5.57 15.88 30.19
N LEU A 10 4.44 15.64 29.54
CA LEU A 10 4.42 15.67 28.08
C LEU A 10 4.72 17.08 27.56
N ARG A 11 4.12 18.10 28.19
CA ARG A 11 4.34 19.47 27.73
C ARG A 11 5.75 19.95 28.05
N PHE A 12 6.28 19.61 29.24
CA PHE A 12 7.48 20.27 29.74
C PHE A 12 8.68 19.39 30.07
N CYS A 13 8.54 18.07 30.08
CA CYS A 13 9.63 17.17 30.49
C CYS A 13 9.97 16.20 29.37
N PRO A 14 10.31 16.71 28.19
CA PRO A 14 10.65 15.82 27.07
C PRO A 14 11.71 14.78 27.41
N ALA A 15 12.62 15.06 28.34
CA ALA A 15 13.62 14.06 28.70
C ALA A 15 13.01 12.91 29.48
N ARG A 16 11.77 13.04 29.95
CA ARG A 16 11.15 11.91 30.62
C ARG A 16 10.77 10.80 29.63
N TYR A 17 10.66 11.12 28.33
CA TYR A 17 10.17 10.14 27.38
C TYR A 17 10.86 10.13 26.02
N ILE A 18 11.89 10.89 25.82
CA ILE A 18 12.54 10.92 24.52
C ILE A 18 13.44 9.72 24.39
N HIS A 19 13.56 9.19 23.17
CA HIS A 19 14.41 8.04 22.87
C HIS A 19 15.82 8.55 22.51
N GLU A 20 16.84 7.91 23.07
CA GLU A 20 18.21 8.42 22.89
C GLU A 20 18.51 8.66 21.41
N SER A 21 17.87 7.90 20.53
CA SER A 21 17.93 8.07 19.09
C SER A 21 17.84 9.52 18.64
N HIS A 22 17.16 10.37 19.40
CA HIS A 22 16.82 11.72 18.96
C HIS A 22 17.64 12.84 19.61
N LEU A 23 18.34 12.57 20.69
CA LEU A 23 19.13 13.61 21.34
C LEU A 23 20.07 14.26 20.33
N PRO A 24 20.26 15.58 20.38
CA PRO A 24 21.30 16.18 19.53
C PRO A 24 22.63 15.52 19.81
N ALA A 25 23.41 15.34 18.75
CA ALA A 25 24.62 14.51 18.84
C ALA A 25 25.42 14.87 20.07
N VAL A 26 25.65 16.17 20.25
CA VAL A 26 26.54 16.68 21.29
C VAL A 26 26.04 16.29 22.68
N LEU A 27 24.70 16.36 22.78
CA LEU A 27 24.13 15.93 24.06
C LEU A 27 24.14 14.42 24.21
N LEU A 28 23.98 13.67 23.22
CA LEU A 28 24.21 12.24 23.28
C LEU A 28 25.64 11.99 23.72
N ARG A 29 26.58 12.62 23.01
CA ARG A 29 27.97 12.56 23.42
C ARG A 29 28.12 13.09 24.83
N LEU A 30 27.36 14.13 25.19
CA LEU A 30 27.43 14.69 26.53
C LEU A 30 26.57 13.88 27.50
N LEU A 31 25.65 13.09 26.97
CA LEU A 31 24.75 12.25 27.74
C LEU A 31 25.41 11.32 28.76
N PRO A 32 26.67 10.84 28.56
CA PRO A 32 27.11 9.66 29.33
C PRO A 32 26.93 9.71 30.83
N ALA A 33 26.89 10.90 31.42
CA ALA A 33 26.64 11.07 32.85
C ALA A 33 25.16 11.37 33.07
N LEU A 34 24.81 11.80 34.28
CA LEU A 34 23.53 12.44 34.54
C LEU A 34 22.29 11.55 34.44
N PRO A 35 22.17 10.50 35.28
CA PRO A 35 20.90 9.78 35.19
C PRO A 35 19.74 10.58 35.80
N ARG A 39 15.65 13.21 32.87
CA ARG A 39 14.82 13.46 34.06
C ARG A 39 15.35 14.59 34.98
N GLN A 40 15.82 15.69 34.38
CA GLN A 40 16.48 16.80 35.04
C GLN A 40 15.99 18.11 34.44
N SER A 41 15.64 19.08 35.31
CA SER A 41 14.90 20.26 34.88
C SER A 41 15.63 21.09 33.83
N VAL A 42 16.95 21.16 33.91
CA VAL A 42 17.70 21.98 32.95
C VAL A 42 17.69 21.34 31.57
N LEU A 43 17.93 20.02 31.52
CA LEU A 43 17.87 19.31 30.23
C LEU A 43 16.47 19.35 29.64
N ASN A 44 15.44 19.17 30.47
CA ASN A 44 14.08 19.35 29.97
C ASN A 44 13.95 20.70 29.26
N ALA A 45 14.40 21.78 29.90
CA ALA A 45 14.27 23.09 29.28
C ALA A 45 15.19 23.19 28.09
N TRP A 46 16.41 22.68 28.21
CA TRP A 46 17.36 22.79 27.12
C TRP A 46 16.94 21.95 25.90
N LEU A 47 16.20 20.85 26.14
CA LEU A 47 15.66 20.04 25.04
C LEU A 47 14.50 20.75 24.35
N LEU A 48 13.62 21.37 25.14
CA LEU A 48 12.54 22.15 24.54
C LEU A 48 13.07 23.28 23.69
N GLU A 49 14.28 23.76 23.98
CA GLU A 49 14.81 24.88 23.22
C GLU A 49 15.46 24.41 21.94
N GLN A 50 16.42 23.47 22.05
CA GLN A 50 17.15 23.00 20.89
C GLN A 50 16.21 22.53 19.77
N LEU A 51 14.97 22.18 20.11
CA LEU A 51 13.94 21.80 19.16
C LEU A 51 12.78 22.75 19.43
N GLU A 52 12.34 23.48 18.42
CA GLU A 52 11.29 24.47 18.66
C GLU A 52 10.00 23.74 19.03
N LEU A 53 9.98 23.12 20.22
CA LEU A 53 8.83 22.31 20.64
C LEU A 53 7.83 23.24 21.33
N ASP A 54 6.92 23.77 20.53
CA ASP A 54 5.87 24.62 21.08
C ASP A 54 5.27 23.98 22.31
N CYS A 55 5.33 24.67 23.44
CA CYS A 55 4.57 24.21 24.59
C CYS A 55 3.13 24.67 24.50
N ALA A 56 2.82 25.49 23.49
CA ALA A 56 1.46 25.87 23.19
C ALA A 56 0.94 24.83 22.19
N PHE A 57 0.17 23.87 22.69
CA PHE A 57 -0.35 22.87 21.78
C PHE A 57 -1.54 22.18 22.42
N ARG A 58 -2.49 21.80 21.57
CA ARG A 58 -3.69 21.09 21.97
C ARG A 58 -3.53 19.59 21.77
N MSE A 59 -4.15 18.84 22.66
CA MSE A 59 -4.15 17.40 22.56
C MSE A 59 -5.27 16.93 21.63
O MSE A 59 -6.45 17.15 21.95
CB MSE A 59 -4.32 16.79 23.94
CG MSE A 59 -3.18 17.11 24.89
SE MSE A 59 -1.83 15.74 24.78
CE MSE A 59 -2.59 14.38 25.93
N PRO A 60 -4.91 16.29 20.49
CA PRO A 60 -5.92 15.80 19.55
C PRO A 60 -7.11 15.13 20.23
N ALA A 61 -8.31 15.49 19.78
CA ALA A 61 -9.52 15.04 20.43
C ALA A 61 -9.65 13.52 20.46
N GLN A 62 -10.62 13.08 21.27
CA GLN A 62 -10.99 11.69 21.41
C GLN A 62 -9.74 10.81 21.39
N LEU A 63 -8.93 10.91 22.43
CA LEU A 63 -7.94 9.88 22.74
C LEU A 63 -6.89 9.77 21.65
N GLY A 64 -6.95 10.59 20.60
CA GLY A 64 -5.78 10.67 19.75
C GLY A 64 -4.52 10.90 20.56
N GLY A 65 -4.64 11.63 21.71
CA GLY A 65 -3.54 11.93 22.65
C GLY A 65 -3.16 10.68 23.44
N LEU A 66 -2.55 9.76 22.72
CA LEU A 66 -1.84 8.62 23.28
C LEU A 66 -0.41 8.97 23.64
N ALA A 67 -0.05 10.25 23.51
CA ALA A 67 1.29 10.65 23.92
C ALA A 67 1.52 10.40 25.41
N LEU A 68 0.50 9.98 26.17
CA LEU A 68 0.62 9.74 27.60
C LEU A 68 0.71 8.27 28.00
N TYR A 69 0.69 7.34 27.05
CA TYR A 69 0.72 5.93 27.44
C TYR A 69 2.05 5.57 28.11
N PRO A 70 2.04 4.56 28.99
CA PRO A 70 3.30 3.89 29.32
C PRO A 70 3.94 3.34 28.06
N GLN A 71 5.27 3.44 27.98
CA GLN A 71 5.98 3.06 26.76
C GLN A 71 5.53 1.69 26.23
N ALA A 72 5.36 0.72 27.13
CA ALA A 72 5.04 -0.65 26.72
C ALA A 72 3.73 -0.71 25.96
N ALA A 73 2.66 -0.17 26.53
CA ALA A 73 1.38 -0.15 25.85
C ALA A 73 1.48 0.65 24.55
N LEU A 74 2.21 1.77 24.58
CA LEU A 74 2.44 2.56 23.36
C LEU A 74 3.03 1.69 22.26
N GLU A 75 4.13 0.99 22.57
CA GLU A 75 4.79 0.21 21.53
C GLU A 75 3.91 -0.94 21.09
N ARG A 76 3.14 -1.52 22.01
CA ARG A 76 2.22 -2.56 21.62
C ARG A 76 1.14 -2.01 20.71
N THR A 77 0.45 -0.97 21.15
CA THR A 77 -0.64 -0.41 20.35
C THR A 77 -0.19 -0.08 18.93
N LEU A 78 0.96 0.61 18.79
CA LEU A 78 1.43 0.99 17.46
C LEU A 78 1.96 -0.20 16.68
N GLY A 79 2.48 -1.20 17.37
CA GLY A 79 2.95 -2.38 16.66
C GLY A 79 1.78 -3.17 16.09
N TRP A 80 0.79 -3.47 16.93
CA TRP A 80 -0.41 -4.11 16.42
C TRP A 80 -0.97 -3.36 15.23
N LEU A 81 -1.01 -2.03 15.31
CA LEU A 81 -1.57 -1.23 14.22
C LEU A 81 -0.73 -1.34 12.95
N GLY A 82 0.59 -1.29 13.06
CA GLY A 82 1.41 -1.36 11.87
C GLY A 82 1.32 -2.73 11.24
N ALA A 83 1.25 -3.76 12.08
CA ALA A 83 1.05 -5.11 11.59
C ALA A 83 -0.26 -5.21 10.83
N LEU A 84 -1.34 -4.72 11.43
CA LEU A 84 -2.65 -4.81 10.80
C LEU A 84 -2.67 -4.16 9.42
N LEU A 85 -1.97 -3.04 9.26
CA LEU A 85 -1.87 -2.37 7.96
C LEU A 85 -1.09 -3.18 6.95
N HIS A 86 -0.39 -4.23 7.40
CA HIS A 86 0.25 -5.22 6.53
C HIS A 86 -0.43 -6.59 6.62
N GLY A 87 -1.70 -6.64 7.05
CA GLY A 87 -2.42 -7.91 7.19
C GLY A 87 -2.54 -8.72 5.91
N GLN A 88 -3.16 -8.13 4.88
CA GLN A 88 -3.31 -8.79 3.59
C GLN A 88 -1.99 -9.32 3.07
N ALA A 89 -0.95 -8.49 3.11
CA ALA A 89 0.35 -8.93 2.64
C ALA A 89 0.81 -10.15 3.40
N LEU A 90 0.42 -10.24 4.68
CA LEU A 90 0.87 -11.31 5.56
C LEU A 90 0.05 -12.59 5.41
N ARG A 91 -1.24 -12.48 5.03
CA ARG A 91 -2.01 -13.70 4.76
C ARG A 91 -1.38 -14.54 3.67
N GLN A 92 -0.66 -13.92 2.75
CA GLN A 92 -0.12 -14.57 1.57
C GLN A 92 1.28 -15.16 1.80
N VAL A 93 1.67 -15.33 3.06
CA VAL A 93 2.98 -15.93 3.37
C VAL A 93 2.87 -16.93 4.52
N GLN A 105 5.94 -12.50 14.73
CA GLN A 105 5.10 -12.78 15.88
C GLN A 105 5.51 -11.95 17.10
N ILE A 106 5.18 -10.66 17.06
CA ILE A 106 5.52 -9.73 18.15
C ILE A 106 4.34 -9.74 19.11
N GLY A 107 4.33 -10.76 19.97
CA GLY A 107 3.16 -11.04 20.76
C GLY A 107 2.28 -12.01 20.01
N GLU A 108 2.02 -13.18 20.59
CA GLU A 108 1.02 -14.08 20.04
C GLU A 108 -0.33 -13.37 19.95
N GLN A 109 -0.68 -12.61 20.98
CA GLN A 109 -1.97 -11.93 20.96
C GLN A 109 -2.07 -11.08 19.70
N GLY A 110 -0.98 -10.37 19.36
CA GLY A 110 -0.95 -9.47 18.22
C GLY A 110 -0.89 -10.15 16.86
N GLN A 111 -0.08 -11.21 16.76
CA GLN A 111 -0.03 -12.02 15.54
C GLN A 111 -1.43 -12.53 15.20
N ARG A 112 -2.14 -13.04 16.22
CA ARG A 112 -3.49 -13.53 16.00
C ARG A 112 -4.43 -12.41 15.63
N PHE A 113 -4.27 -11.23 16.26
CA PHE A 113 -5.17 -10.11 15.99
C PHE A 113 -5.12 -9.73 14.53
N CYS A 114 -3.93 -9.75 13.96
CA CYS A 114 -3.71 -9.27 12.61
C CYS A 114 -4.33 -10.22 11.61
N LEU A 115 -4.20 -11.54 11.85
CA LEU A 115 -4.70 -12.56 10.94
C LEU A 115 -6.21 -12.72 11.04
N GLU A 116 -6.78 -12.62 12.25
CA GLU A 116 -8.19 -12.93 12.46
C GLU A 116 -9.12 -11.73 12.30
N GLN A 117 -8.67 -10.54 12.70
CA GLN A 117 -9.53 -9.37 12.74
C GLN A 117 -9.36 -8.46 11.53
N LEU A 118 -8.52 -8.85 10.58
CA LEU A 118 -8.20 -7.96 9.47
C LEU A 118 -9.46 -7.40 8.79
N ASP A 119 -10.49 -8.25 8.61
CA ASP A 119 -11.70 -7.88 7.89
C ASP A 119 -12.90 -7.75 8.81
N LEU A 120 -12.70 -7.87 10.11
CA LEU A 120 -13.73 -7.67 11.12
C LEU A 120 -13.63 -6.33 11.86
N LEU A 121 -12.94 -5.34 11.29
CA LEU A 121 -12.73 -4.09 12.00
C LEU A 121 -13.43 -2.89 11.34
N ILE A 122 -13.13 -2.61 10.08
CA ILE A 122 -13.65 -1.41 9.44
C ILE A 122 -14.26 -1.74 8.09
N GLY A 123 -14.69 -2.99 7.93
CA GLY A 123 -15.22 -3.47 6.67
C GLY A 123 -14.15 -3.54 5.59
N ARG A 124 -14.50 -3.10 4.39
CA ARG A 124 -13.55 -3.12 3.29
C ARG A 124 -12.40 -2.15 3.58
N TRP A 125 -11.21 -2.55 3.17
CA TRP A 125 -10.03 -1.75 3.43
C TRP A 125 -9.90 -0.64 2.40
N PRO A 126 -9.93 0.63 2.79
CA PRO A 126 -9.84 1.72 1.82
C PRO A 126 -8.60 1.56 0.94
N PRO A 127 -8.66 2.10 -0.28
CA PRO A 127 -7.74 1.67 -1.35
C PRO A 127 -6.26 1.58 -1.01
N GLY A 128 -5.70 2.51 -0.25
CA GLY A 128 -4.27 2.45 0.00
C GLY A 128 -3.83 2.05 1.40
N TRP A 129 -4.78 1.72 2.26
CA TRP A 129 -4.41 1.51 3.66
C TRP A 129 -3.51 0.30 3.84
N GLN A 130 -3.83 -0.81 3.20
CA GLN A 130 -3.01 -2.01 3.29
C GLN A 130 -1.75 -1.85 2.44
N ARG A 131 -0.62 -2.27 3.02
CA ARG A 131 0.67 -2.03 2.38
C ARG A 131 1.42 -3.33 2.11
N ALA A 132 2.37 -3.24 1.20
CA ALA A 132 3.23 -4.39 0.96
C ALA A 132 4.34 -4.45 2.00
N LEU A 133 4.93 -5.54 2.09
CA LEU A 133 6.06 -5.79 2.97
C LEU A 133 7.36 -5.66 2.21
N PRO A 134 8.48 -5.31 2.87
CA PRO A 134 9.76 -5.33 2.15
C PRO A 134 10.49 -6.67 2.23
N PRO A 137 12.59 -6.08 6.30
CA PRO A 137 12.08 -5.09 7.26
C PRO A 137 13.01 -4.84 8.43
N GLU A 138 13.42 -3.57 8.62
CA GLU A 138 14.26 -3.22 9.75
C GLU A 138 13.49 -3.42 11.05
N GLU A 139 14.20 -3.32 12.18
CA GLU A 139 13.56 -3.58 13.48
C GLU A 139 12.69 -2.40 13.89
N GLY A 140 11.56 -2.70 14.53
CA GLY A 140 10.58 -1.69 14.87
C GLY A 140 9.78 -1.13 13.71
N TYR A 141 9.88 -1.74 12.53
CA TYR A 141 9.24 -1.18 11.34
C TYR A 141 7.75 -1.00 11.51
N PHE A 142 7.10 -1.90 12.21
CA PHE A 142 5.66 -1.79 12.29
C PHE A 142 5.24 -0.71 13.25
N ARG A 143 5.95 -0.57 14.38
CA ARG A 143 5.65 0.51 15.31
C ARG A 143 5.68 1.86 14.63
N ARG A 144 6.68 2.09 13.78
CA ARG A 144 6.74 3.33 13.01
C ARG A 144 5.59 3.44 12.01
N CYS A 145 5.20 2.31 11.37
CA CYS A 145 4.05 2.37 10.48
C CYS A 145 2.80 2.78 11.23
N GLY A 146 2.55 2.15 12.38
CA GLY A 146 1.36 2.46 13.14
C GLY A 146 1.39 3.88 13.65
N LEU A 147 2.59 4.37 13.99
CA LEU A 147 2.69 5.74 14.47
C LEU A 147 2.39 6.71 13.34
N ALA A 148 2.96 6.46 12.16
CA ALA A 148 2.60 7.27 11.00
C ALA A 148 1.09 7.31 10.77
N PHE A 149 0.45 6.14 10.88
CA PHE A 149 -1.00 6.09 10.69
C PHE A 149 -1.73 6.84 11.79
N TRP A 150 -1.28 6.69 13.04
CA TRP A 150 -1.92 7.39 14.14
C TRP A 150 -1.88 8.91 13.94
N LEU A 151 -0.73 9.45 13.57
CA LEU A 151 -0.67 10.91 13.35
C LEU A 151 -1.51 11.33 12.15
N ALA A 152 -1.50 10.52 11.08
CA ALA A 152 -2.33 10.85 9.92
C ALA A 152 -3.82 10.83 10.26
N ALA A 153 -4.23 10.02 11.24
CA ALA A 153 -5.63 10.09 11.64
C ALA A 153 -5.96 11.35 12.43
N CYS A 154 -5.04 11.88 13.24
CA CYS A 154 -5.21 13.21 13.85
C CYS A 154 -4.23 14.12 13.11
N SER A 155 -4.72 14.71 12.02
CA SER A 155 -3.86 15.47 11.12
C SER A 155 -3.74 16.94 11.48
N ASP A 156 -4.78 17.55 12.06
CA ASP A 156 -4.62 18.92 12.51
C ASP A 156 -3.68 19.05 13.71
N ALA A 157 -3.10 17.95 14.18
CA ALA A 157 -2.28 17.97 15.38
C ALA A 157 -1.23 19.08 15.29
N ASP A 158 -1.14 19.88 16.35
CA ASP A 158 -0.12 20.91 16.41
C ASP A 158 1.25 20.28 16.27
N CYS A 159 2.17 20.97 15.60
CA CYS A 159 3.53 20.46 15.51
C CYS A 159 4.06 20.09 16.89
N GLY A 160 3.49 20.67 17.96
CA GLY A 160 3.95 20.36 19.29
C GLY A 160 3.49 19.01 19.76
N PHE A 161 2.26 18.62 19.42
CA PHE A 161 1.83 17.28 19.74
C PHE A 161 2.57 16.27 18.88
N SER A 162 2.44 16.40 17.56
CA SER A 162 2.99 15.38 16.67
C SER A 162 4.48 15.19 16.89
N ARG A 163 5.21 16.29 17.09
CA ARG A 163 6.65 16.19 17.26
C ARG A 163 7.02 15.48 18.57
N ARG A 164 6.15 15.58 19.56
CA ARG A 164 6.42 14.91 20.84
C ARG A 164 6.09 13.42 20.78
N LEU A 165 4.99 13.04 20.15
CA LEU A 165 4.71 11.62 19.95
C LEU A 165 5.84 10.95 19.18
N ARG A 166 6.28 11.58 18.10
CA ARG A 166 7.37 11.00 17.31
C ARG A 166 8.59 10.73 18.16
N LEU A 167 8.82 11.52 19.20
CA LEU A 167 10.03 11.36 19.97
C LEU A 167 10.03 10.11 20.81
N ARG A 168 8.90 9.44 20.95
CA ARG A 168 8.84 8.25 21.78
C ARG A 168 9.30 6.98 21.07
N LEU A 169 9.72 7.06 19.80
CA LEU A 169 10.19 5.92 19.04
C LEU A 169 11.48 6.30 18.32
N ARG A 170 12.31 5.30 18.02
CA ARG A 170 13.55 5.51 17.28
C ARG A 170 13.29 6.14 15.91
N LEU A 171 14.40 6.46 15.23
CA LEU A 171 14.43 6.99 13.86
C LEU A 171 13.11 7.53 13.30
N ALA A 176 5.21 9.54 4.79
CA ALA A 176 3.99 8.75 4.75
C ALA A 176 3.41 8.66 3.35
N PRO A 177 2.74 7.54 3.05
CA PRO A 177 2.28 7.31 1.69
C PRO A 177 1.24 8.33 1.28
N ALA A 178 1.32 8.77 0.03
CA ALA A 178 0.37 9.72 -0.54
C ALA A 178 -1.05 9.36 -0.18
N ASP A 179 -1.39 8.06 -0.21
CA ASP A 179 -2.78 7.69 0.03
C ASP A 179 -3.17 7.77 1.50
N TRP A 180 -2.29 8.24 2.38
CA TRP A 180 -2.64 8.42 3.78
C TRP A 180 -2.91 9.88 4.13
N THR A 181 -2.86 10.78 3.17
CA THR A 181 -3.32 12.13 3.41
C THR A 181 -4.83 12.03 3.35
N PHE A 182 -5.44 11.72 4.50
CA PHE A 182 -6.88 11.54 4.57
C PHE A 182 -7.53 12.91 4.52
N ASP A 183 -8.50 13.05 3.65
CA ASP A 183 -9.07 14.37 3.38
C ASP A 183 -10.58 14.31 3.45
N GLU A 184 -11.13 13.31 4.13
CA GLU A 184 -12.55 13.07 3.98
C GLU A 184 -13.06 12.24 5.15
N GLN A 185 -14.20 11.59 4.93
CA GLN A 185 -14.70 10.45 5.71
C GLN A 185 -13.63 9.42 6.02
N ARG A 186 -12.62 9.31 5.15
CA ARG A 186 -11.55 8.36 5.45
C ARG A 186 -10.83 8.72 6.73
N ARG A 187 -10.64 10.01 6.99
CA ARG A 187 -10.03 10.43 8.25
C ARG A 187 -10.87 9.95 9.41
N SER A 188 -12.20 10.12 9.31
CA SER A 188 -13.09 9.65 10.36
C SER A 188 -13.03 8.15 10.47
N LEU A 189 -12.75 7.45 9.37
CA LEU A 189 -12.57 6.01 9.44
C LEU A 189 -11.20 5.63 10.00
N ALA A 190 -10.17 6.44 9.73
CA ALA A 190 -8.87 6.18 10.33
C ALA A 190 -8.93 6.30 11.84
N ARG A 191 -9.56 7.36 12.38
CA ARG A 191 -9.63 7.48 13.84
C ARG A 191 -10.31 6.26 14.45
N THR A 192 -11.33 5.73 13.78
CA THR A 192 -12.06 4.59 14.31
C THR A 192 -11.17 3.34 14.33
N LEU A 193 -10.43 3.11 13.26
CA LEU A 193 -9.53 1.96 13.28
C LEU A 193 -8.51 2.10 14.41
N CYS A 194 -7.99 3.30 14.60
CA CYS A 194 -6.99 3.53 15.64
C CYS A 194 -7.54 3.16 17.00
N LEU A 195 -8.72 3.67 17.31
CA LEU A 195 -9.31 3.44 18.62
C LEU A 195 -9.61 1.98 18.84
N LYS A 196 -10.07 1.27 17.77
CA LYS A 196 -10.35 -0.16 17.90
C LYS A 196 -9.08 -0.96 18.08
N VAL A 197 -8.05 -0.67 17.30
CA VAL A 197 -6.84 -1.44 17.51
C VAL A 197 -6.38 -1.23 18.93
N ALA A 198 -6.47 0.01 19.43
CA ALA A 198 -5.96 0.30 20.75
C ALA A 198 -6.81 -0.39 21.81
N ARG A 199 -8.12 -0.46 21.60
CA ARG A 199 -8.97 -1.05 22.61
C ARG A 199 -8.60 -2.50 22.88
N GLN A 200 -8.03 -3.17 21.88
CA GLN A 200 -7.58 -4.54 22.02
C GLN A 200 -6.10 -4.63 22.39
N ALA A 201 -5.28 -3.72 21.87
CA ALA A 201 -3.84 -3.87 22.05
C ALA A 201 -3.42 -3.68 23.49
N SER A 202 -4.13 -2.83 24.23
CA SER A 202 -3.92 -2.70 25.67
C SER A 202 -5.18 -2.05 26.25
N ASP A 203 -6.07 -2.88 26.80
CA ASP A 203 -7.22 -2.35 27.52
C ASP A 203 -6.81 -1.64 28.80
N GLU A 204 -5.67 -2.01 29.35
CA GLU A 204 -5.24 -1.39 30.60
C GLU A 204 -5.26 0.13 30.48
N CYS A 205 -4.65 0.66 29.41
CA CYS A 205 -4.45 2.10 29.28
C CYS A 205 -5.31 2.71 28.18
N PHE A 206 -6.49 2.14 27.93
CA PHE A 206 -7.35 2.67 26.87
C PHE A 206 -8.20 3.83 27.36
N HIS A 207 -8.07 4.20 28.63
CA HIS A 207 -8.90 5.22 29.25
C HIS A 207 -8.33 6.62 29.00
N LEU A 208 -7.61 6.79 27.89
CA LEU A 208 -6.86 7.99 27.65
C LEU A 208 -7.15 8.55 26.25
N SER B 2 2.22 -9.58 -3.59
CA SER B 2 2.03 -8.18 -4.06
C SER B 2 0.57 -7.75 -3.88
N MSE B 3 0.34 -6.47 -4.10
CA MSE B 3 -0.81 -5.80 -3.55
C MSE B 3 -1.48 -5.03 -4.66
O MSE B 3 -0.85 -4.77 -5.66
CB MSE B 3 -0.38 -4.85 -2.42
CG MSE B 3 0.26 -5.53 -1.22
SE MSE B 3 -1.07 -6.63 -0.30
CE MSE B 3 -2.38 -5.23 0.09
N PRO B 4 -2.74 -4.64 -4.48
CA PRO B 4 -3.36 -3.75 -5.45
C PRO B 4 -2.53 -2.50 -5.66
N LEU B 5 -2.89 -1.74 -6.67
CA LEU B 5 -2.43 -0.39 -6.90
C LEU B 5 -3.58 0.56 -6.65
N THR B 6 -3.22 1.82 -6.35
CA THR B 6 -4.16 2.92 -6.19
C THR B 6 -4.08 3.81 -7.40
N ALA B 7 -5.17 4.52 -7.67
CA ALA B 7 -5.13 5.49 -8.74
C ALA B 7 -3.92 6.39 -8.58
N TYR B 8 -3.61 6.82 -7.37
CA TYR B 8 -2.46 7.69 -7.20
C TYR B 8 -1.21 6.96 -7.61
N GLN B 9 -1.01 5.77 -7.06
CA GLN B 9 0.21 5.02 -7.36
C GLN B 9 0.27 4.63 -8.82
N LEU B 10 -0.86 4.34 -9.45
CA LEU B 10 -0.77 4.06 -10.87
C LEU B 10 -0.31 5.32 -11.59
N ARG B 11 -0.88 6.46 -11.23
CA ARG B 11 -0.58 7.71 -11.95
C ARG B 11 0.84 8.20 -11.67
N PHE B 12 1.32 8.12 -10.43
CA PHE B 12 2.54 8.83 -10.04
C PHE B 12 3.67 7.98 -9.50
N CYS B 13 3.48 6.68 -9.26
CA CYS B 13 4.49 5.85 -8.62
C CYS B 13 4.88 4.67 -9.50
N PRO B 14 5.35 4.94 -10.70
CA PRO B 14 5.80 3.84 -11.58
C PRO B 14 6.83 2.92 -10.96
N ALA B 15 7.62 3.38 -10.01
CA ALA B 15 8.58 2.43 -9.46
C ALA B 15 7.91 1.39 -8.58
N ARG B 16 6.65 1.59 -8.19
CA ARG B 16 5.97 0.58 -7.39
C ARG B 16 5.52 -0.64 -8.23
N TYR B 17 5.42 -0.53 -9.58
CA TYR B 17 4.88 -1.62 -10.38
C TYR B 17 5.60 -1.89 -11.70
N ILE B 18 6.68 -1.23 -12.00
CA ILE B 18 7.32 -1.42 -13.29
C ILE B 18 8.13 -2.70 -13.26
N HIS B 19 8.20 -3.37 -14.40
CA HIS B 19 8.93 -4.62 -14.50
C HIS B 19 10.40 -4.31 -14.77
N GLU B 20 11.29 -4.97 -14.02
CA GLU B 20 12.71 -4.61 -14.08
C GLU B 20 13.20 -4.62 -15.51
N SER B 21 12.63 -5.49 -16.34
CA SER B 21 12.93 -5.52 -17.77
C SER B 21 12.92 -4.12 -18.39
N HIS B 22 12.11 -3.21 -17.88
CA HIS B 22 11.91 -1.95 -18.60
C HIS B 22 12.78 -0.81 -18.09
N LEU B 23 13.29 -0.90 -16.86
CA LEU B 23 14.06 0.19 -16.28
C LEU B 23 15.17 0.60 -17.24
N PRO B 24 15.49 1.90 -17.32
CA PRO B 24 16.66 2.32 -18.08
C PRO B 24 17.92 1.63 -17.57
N ALA B 25 18.79 1.25 -18.52
CA ALA B 25 19.96 0.45 -18.18
C ALA B 25 20.75 1.06 -17.01
N VAL B 26 21.00 2.37 -17.04
CA VAL B 26 21.83 3.01 -16.00
C VAL B 26 21.22 2.80 -14.62
N LEU B 27 19.90 2.87 -14.52
CA LEU B 27 19.27 2.57 -13.26
C LEU B 27 19.25 1.06 -12.98
N LEU B 28 19.22 0.22 -14.03
CA LEU B 28 19.42 -1.21 -13.81
C LEU B 28 20.78 -1.48 -13.18
N ARG B 29 21.84 -0.95 -13.78
CA ARG B 29 23.16 -1.13 -13.20
C ARG B 29 23.25 -0.57 -11.77
N LEU B 30 22.48 0.50 -11.47
CA LEU B 30 22.49 1.08 -10.13
C LEU B 30 21.54 0.39 -9.15
N LEU B 31 20.56 -0.37 -9.66
CA LEU B 31 19.49 -0.93 -8.83
C LEU B 31 19.99 -1.66 -7.61
N PRO B 32 21.13 -2.35 -7.66
CA PRO B 32 21.60 -3.07 -6.46
C PRO B 32 21.86 -2.14 -5.30
N ALA B 33 21.94 -0.84 -5.53
CA ALA B 33 22.25 0.09 -4.46
C ALA B 33 21.00 0.59 -3.74
N LEU B 34 19.99 1.02 -4.47
CA LEU B 34 18.71 1.31 -3.86
C LEU B 34 18.10 -0.03 -3.42
N PRO B 35 18.10 -0.37 -2.12
CA PRO B 35 17.57 -1.67 -1.72
C PRO B 35 16.08 -1.75 -1.98
N ASP B 36 15.30 -0.81 -1.44
CA ASP B 36 13.87 -0.75 -1.76
C ASP B 36 13.62 0.30 -2.84
N TRP B 37 14.23 0.06 -4.00
CA TRP B 37 14.07 1.00 -5.09
C TRP B 37 12.60 1.26 -5.42
N ARG B 38 11.69 0.36 -5.06
CA ARG B 38 10.31 0.50 -5.52
C ARG B 38 9.52 1.56 -4.74
N ARG B 39 9.89 1.86 -3.50
CA ARG B 39 9.08 2.72 -2.64
C ARG B 39 9.74 4.09 -2.38
N GLN B 40 10.31 4.70 -3.42
CA GLN B 40 11.12 5.90 -3.25
C GLN B 40 10.76 6.97 -4.26
N SER B 41 10.34 8.13 -3.76
CA SER B 41 9.69 9.15 -4.57
C SER B 41 10.59 9.70 -5.66
N VAL B 42 11.91 9.74 -5.42
CA VAL B 42 12.80 10.36 -6.38
C VAL B 42 12.81 9.56 -7.67
N LEU B 43 12.91 8.24 -7.56
CA LEU B 43 12.86 7.40 -8.75
C LEU B 43 11.51 7.54 -9.44
N ASN B 44 10.43 7.54 -8.65
CA ASN B 44 9.11 7.72 -9.24
C ASN B 44 9.11 8.89 -10.19
N ALA B 45 9.61 10.04 -9.73
CA ALA B 45 9.63 11.23 -10.56
C ALA B 45 10.63 11.08 -11.71
N TRP B 46 11.79 10.50 -11.41
CA TRP B 46 12.81 10.33 -12.43
C TRP B 46 12.39 9.33 -13.49
N LEU B 47 11.60 8.31 -13.12
CA LEU B 47 11.09 7.35 -14.09
C LEU B 47 9.97 7.94 -14.93
N LEU B 48 9.08 8.72 -14.33
CA LEU B 48 8.08 9.40 -15.13
C LEU B 48 8.74 10.29 -16.17
N GLU B 49 9.95 10.77 -15.87
CA GLU B 49 10.68 11.62 -16.80
C GLU B 49 11.35 10.76 -17.87
N GLN B 50 12.17 9.79 -17.46
CA GLN B 50 12.87 8.97 -18.44
C GLN B 50 11.94 8.28 -19.44
N LEU B 51 10.67 8.07 -19.10
CA LEU B 51 9.75 7.36 -19.97
C LEU B 51 8.56 8.21 -20.41
N GLU B 52 8.59 9.51 -20.13
CA GLU B 52 7.54 10.41 -20.56
C GLU B 52 6.15 9.77 -20.39
N LEU B 53 5.79 9.50 -19.13
CA LEU B 53 4.51 8.90 -18.78
C LEU B 53 3.45 9.97 -18.55
N ASP B 54 2.65 10.25 -19.57
CA ASP B 54 1.54 11.20 -19.45
C ASP B 54 0.74 10.96 -18.18
N CYS B 55 0.67 11.96 -17.31
CA CYS B 55 -0.16 11.90 -16.11
C CYS B 55 -1.59 12.40 -16.30
N ALA B 56 -1.94 12.91 -17.48
CA ALA B 56 -3.30 13.39 -17.68
C ALA B 56 -4.26 12.28 -18.07
N PHE B 57 -3.74 11.10 -18.34
CA PHE B 57 -4.52 10.00 -18.88
C PHE B 57 -5.79 9.73 -18.08
N ARG B 58 -6.79 9.26 -18.80
CA ARG B 58 -8.02 8.72 -18.21
C ARG B 58 -7.89 7.20 -18.17
N MSE B 59 -8.72 6.58 -17.35
CA MSE B 59 -8.72 5.13 -17.24
C MSE B 59 -9.96 4.58 -17.91
O MSE B 59 -11.08 4.95 -17.55
CB MSE B 59 -8.64 4.71 -15.77
CG MSE B 59 -7.38 3.93 -15.47
SE MSE B 59 -7.11 3.75 -13.59
CE MSE B 59 -8.21 2.18 -13.21
N PRO B 60 -9.76 3.70 -18.91
CA PRO B 60 -10.90 3.06 -19.60
C PRO B 60 -12.03 2.67 -18.66
N ALA B 61 -13.21 3.29 -18.86
CA ALA B 61 -14.39 3.21 -17.99
C ALA B 61 -15.56 2.78 -18.87
N LEU B 63 -14.92 -0.05 -17.51
CA LEU B 63 -14.24 -0.79 -16.42
C LEU B 63 -12.88 -1.37 -16.80
N GLY B 64 -12.23 -1.07 -17.96
CA GLY B 64 -11.00 -1.70 -18.40
C GLY B 64 -9.89 -1.61 -17.39
N GLY B 65 -9.89 -0.56 -16.55
CA GLY B 65 -8.77 -0.22 -15.66
C GLY B 65 -8.55 -1.28 -14.61
N LEU B 66 -8.03 -2.40 -15.11
CA LEU B 66 -7.37 -3.50 -14.44
C LEU B 66 -5.91 -3.20 -14.16
N ALA B 67 -5.46 -1.99 -14.52
CA ALA B 67 -4.09 -1.59 -14.22
C ALA B 67 -3.81 -1.57 -12.74
N LEU B 68 -4.83 -1.75 -11.91
CA LEU B 68 -4.75 -1.74 -10.46
C LEU B 68 -4.74 -3.14 -9.83
N TYR B 69 -4.77 -4.20 -10.64
CA TYR B 69 -4.78 -5.52 -10.03
C TYR B 69 -3.46 -5.78 -9.32
N PRO B 70 -3.47 -6.64 -8.30
CA PRO B 70 -2.21 -7.17 -7.80
C PRO B 70 -1.56 -7.98 -8.88
N GLN B 71 -0.24 -7.88 -8.95
CA GLN B 71 0.48 -8.53 -10.03
C GLN B 71 0.02 -9.96 -10.20
N ALA B 72 -0.31 -10.62 -9.09
CA ALA B 72 -0.69 -12.02 -9.14
C ALA B 72 -1.90 -12.21 -10.03
N ALA B 73 -3.02 -11.59 -9.66
CA ALA B 73 -4.24 -11.71 -10.46
C ALA B 73 -4.04 -11.14 -11.85
N LEU B 74 -3.39 -9.99 -11.94
CA LEU B 74 -3.16 -9.35 -13.23
C LEU B 74 -2.59 -10.33 -14.24
N GLU B 75 -1.48 -10.99 -13.89
CA GLU B 75 -0.85 -11.94 -14.80
C GLU B 75 -1.69 -13.20 -15.04
N ARG B 76 -2.47 -13.62 -14.05
CA ARG B 76 -3.37 -14.74 -14.28
C ARG B 76 -4.46 -14.35 -15.26
N THR B 77 -5.16 -13.26 -14.97
CA THR B 77 -6.25 -12.82 -15.83
C THR B 77 -5.80 -12.75 -17.29
N LEU B 78 -4.63 -12.15 -17.54
CA LEU B 78 -4.16 -12.05 -18.91
C LEU B 78 -3.71 -13.41 -19.43
N GLY B 79 -3.25 -14.28 -18.54
CA GLY B 79 -2.84 -15.61 -18.97
C GLY B 79 -4.03 -16.44 -19.39
N TRP B 80 -5.04 -16.52 -18.52
CA TRP B 80 -6.27 -17.19 -18.89
C TRP B 80 -6.84 -16.60 -20.18
N LEU B 81 -6.91 -15.28 -20.25
CA LEU B 81 -7.55 -14.69 -21.42
C LEU B 81 -6.84 -15.15 -22.67
N GLY B 82 -5.52 -15.15 -22.64
CA GLY B 82 -4.78 -15.54 -23.83
C GLY B 82 -4.94 -17.00 -24.16
N ALA B 83 -4.97 -17.86 -23.14
CA ALA B 83 -5.19 -19.28 -23.39
C ALA B 83 -6.57 -19.48 -24.04
N LEU B 84 -7.60 -18.91 -23.42
CA LEU B 84 -8.95 -19.04 -23.93
C LEU B 84 -9.04 -18.60 -25.38
N LEU B 85 -8.28 -17.58 -25.76
CA LEU B 85 -8.28 -17.21 -27.17
C LEU B 85 -7.65 -18.27 -28.05
N HIS B 86 -7.02 -19.28 -27.44
CA HIS B 86 -6.49 -20.45 -28.12
C HIS B 86 -7.25 -21.72 -27.76
N GLY B 87 -8.49 -21.60 -27.31
CA GLY B 87 -9.27 -22.75 -26.91
C GLY B 87 -9.37 -23.86 -27.94
N GLN B 88 -9.96 -23.56 -29.11
CA GLN B 88 -10.11 -24.58 -30.15
C GLN B 88 -8.80 -25.27 -30.46
N ALA B 89 -7.75 -24.49 -30.70
CA ALA B 89 -6.45 -25.06 -31.03
C ALA B 89 -5.98 -25.98 -29.93
N LEU B 90 -6.34 -25.65 -28.68
CA LEU B 90 -5.84 -26.38 -27.52
C LEU B 90 -6.60 -27.66 -27.26
N ARG B 91 -7.90 -27.67 -27.54
CA ARG B 91 -8.66 -28.91 -27.41
C ARG B 91 -8.10 -29.98 -28.35
N GLN B 92 -7.46 -29.57 -29.45
CA GLN B 92 -6.85 -30.48 -30.42
C GLN B 92 -5.35 -30.57 -30.08
N VAL B 93 -4.99 -31.51 -29.23
CA VAL B 93 -3.58 -31.60 -28.83
C VAL B 93 -3.07 -33.04 -28.87
N GLN B 109 -4.51 -24.74 -12.88
CA GLN B 109 -5.98 -24.74 -12.95
C GLN B 109 -6.39 -24.10 -14.26
N GLY B 110 -5.50 -23.24 -14.75
CA GLY B 110 -5.80 -22.51 -15.98
C GLY B 110 -6.15 -23.43 -17.12
N GLN B 111 -5.47 -24.58 -17.21
CA GLN B 111 -5.79 -25.57 -18.23
C GLN B 111 -7.27 -25.93 -18.19
N ARG B 112 -7.80 -26.17 -16.99
CA ARG B 112 -9.20 -26.58 -16.92
C ARG B 112 -10.12 -25.45 -17.39
N PHE B 113 -9.79 -24.19 -17.05
CA PHE B 113 -10.66 -23.08 -17.44
C PHE B 113 -10.82 -22.97 -18.95
N CYS B 114 -9.73 -23.22 -19.70
CA CYS B 114 -9.74 -22.99 -21.13
C CYS B 114 -10.58 -24.01 -21.89
N LEU B 115 -10.40 -25.29 -21.57
CA LEU B 115 -11.04 -26.35 -22.35
C LEU B 115 -12.52 -26.46 -22.02
N GLU B 116 -12.92 -26.13 -20.80
CA GLU B 116 -14.28 -26.37 -20.33
C GLU B 116 -15.23 -25.21 -20.60
N GLN B 117 -14.77 -23.96 -20.55
CA GLN B 117 -15.65 -22.80 -20.60
C GLN B 117 -15.73 -22.19 -22.00
N LEU B 118 -15.09 -22.83 -22.99
CA LEU B 118 -14.84 -22.22 -24.28
C LEU B 118 -16.11 -21.68 -24.94
N ASP B 119 -17.22 -22.42 -24.87
CA ASP B 119 -18.44 -22.03 -25.59
C ASP B 119 -19.57 -21.61 -24.68
N LEU B 120 -19.33 -21.48 -23.39
CA LEU B 120 -20.34 -20.99 -22.45
C LEU B 120 -20.12 -19.54 -22.06
N LEU B 121 -19.25 -18.82 -22.77
CA LEU B 121 -18.90 -17.47 -22.37
C LEU B 121 -19.44 -16.43 -23.32
N ILE B 122 -19.17 -16.57 -24.61
CA ILE B 122 -19.59 -15.56 -25.57
C ILE B 122 -20.38 -16.19 -26.71
N GLY B 123 -20.92 -17.39 -26.48
CA GLY B 123 -21.70 -18.00 -27.54
C GLY B 123 -20.80 -18.22 -28.73
N ARG B 124 -21.24 -17.75 -29.89
CA ARG B 124 -20.43 -17.95 -31.08
C ARG B 124 -19.14 -17.17 -30.95
N TRP B 125 -18.05 -17.78 -31.37
CA TRP B 125 -16.74 -17.15 -31.35
C TRP B 125 -16.51 -16.37 -32.64
N PRO B 126 -16.31 -15.04 -32.57
CA PRO B 126 -16.11 -14.25 -33.80
C PRO B 126 -15.03 -14.83 -34.70
N PRO B 127 -15.12 -14.57 -36.02
CA PRO B 127 -14.35 -15.37 -36.99
C PRO B 127 -12.86 -15.51 -36.73
N GLY B 128 -12.16 -14.43 -36.39
CA GLY B 128 -10.72 -14.51 -36.24
C GLY B 128 -10.22 -14.58 -34.82
N TRP B 129 -11.11 -14.64 -33.83
CA TRP B 129 -10.68 -14.56 -32.45
C TRP B 129 -9.93 -15.81 -32.03
N GLN B 130 -10.51 -16.98 -32.27
CA GLN B 130 -9.82 -18.21 -31.92
C GLN B 130 -8.68 -18.41 -32.88
N ARG B 131 -7.51 -18.71 -32.31
CA ARG B 131 -6.26 -18.70 -33.05
C ARG B 131 -5.57 -20.03 -32.81
N ALA B 132 -4.61 -20.33 -33.68
CA ALA B 132 -3.83 -21.54 -33.56
C ALA B 132 -2.72 -21.36 -32.53
N LEU B 133 -2.11 -22.49 -32.12
CA LEU B 133 -0.97 -22.47 -31.21
C LEU B 133 0.34 -22.53 -31.98
N PRO B 134 1.44 -21.99 -31.41
CA PRO B 134 2.78 -22.14 -32.00
C PRO B 134 3.52 -23.39 -31.50
N GLU B 138 6.79 -18.24 -27.47
CA GLU B 138 7.70 -17.84 -26.40
C GLU B 138 7.00 -17.90 -25.05
N GLU B 139 7.74 -17.69 -23.95
CA GLU B 139 7.16 -17.72 -22.62
C GLU B 139 6.38 -16.45 -22.35
N GLY B 140 5.34 -16.55 -21.51
CA GLY B 140 4.45 -15.43 -21.29
C GLY B 140 3.57 -15.13 -22.49
N TYR B 141 3.63 -15.99 -23.52
CA TYR B 141 2.95 -15.74 -24.79
C TYR B 141 1.47 -15.44 -24.56
N PHE B 142 0.85 -16.13 -23.59
CA PHE B 142 -0.58 -15.94 -23.38
C PHE B 142 -0.84 -14.60 -22.72
N ARG B 143 -0.02 -14.24 -21.73
CA ARG B 143 -0.16 -12.94 -21.11
C ARG B 143 -0.06 -11.83 -22.17
N ARG B 144 0.87 -11.97 -23.10
CA ARG B 144 0.96 -10.98 -24.17
C ARG B 144 -0.30 -10.95 -25.02
N CYS B 145 -0.83 -12.14 -25.35
CA CYS B 145 -2.07 -12.21 -26.11
C CYS B 145 -3.22 -11.60 -25.33
N GLY B 146 -3.31 -11.95 -24.06
CA GLY B 146 -4.38 -11.42 -23.24
C GLY B 146 -4.30 -9.93 -23.04
N LEU B 147 -3.09 -9.38 -23.00
CA LEU B 147 -2.92 -7.93 -22.83
C LEU B 147 -3.30 -7.20 -24.12
N ALA B 148 -2.78 -7.68 -25.25
CA ALA B 148 -3.20 -7.15 -26.53
C ALA B 148 -4.70 -7.20 -26.68
N PHE B 149 -5.32 -8.31 -26.29
CA PHE B 149 -6.78 -8.37 -26.37
C PHE B 149 -7.44 -7.42 -25.38
N TRP B 150 -6.90 -7.34 -24.15
CA TRP B 150 -7.48 -6.43 -23.17
C TRP B 150 -7.42 -5.00 -23.67
N LEU B 151 -6.29 -4.61 -24.24
CA LEU B 151 -6.13 -3.24 -24.73
C LEU B 151 -7.06 -2.97 -25.90
N ALA B 152 -7.22 -3.95 -26.81
CA ALA B 152 -8.09 -3.75 -27.97
C ALA B 152 -9.54 -3.53 -27.57
N ALA B 153 -10.01 -4.21 -26.53
CA ALA B 153 -11.36 -3.93 -26.05
C ALA B 153 -11.47 -2.53 -25.44
N CYS B 154 -10.35 -1.89 -25.09
CA CYS B 154 -10.35 -0.50 -24.63
C CYS B 154 -10.30 0.43 -25.83
N SER B 155 -11.40 1.15 -26.06
CA SER B 155 -11.53 2.09 -27.17
C SER B 155 -10.96 3.45 -26.80
N ASP B 156 -10.17 4.01 -27.70
CA ASP B 156 -9.66 5.37 -27.55
C ASP B 156 -8.75 5.53 -26.34
N ALA B 157 -8.42 4.42 -25.66
CA ALA B 157 -7.65 4.48 -24.44
C ALA B 157 -6.40 5.32 -24.56
N ASP B 158 -6.19 6.20 -23.57
CA ASP B 158 -5.02 7.07 -23.57
C ASP B 158 -3.72 6.28 -23.63
N CYS B 159 -2.75 6.82 -24.38
CA CYS B 159 -1.42 6.22 -24.41
C CYS B 159 -0.78 6.16 -23.03
N GLY B 160 -1.28 6.95 -22.09
CA GLY B 160 -0.74 6.97 -20.74
C GLY B 160 -1.16 5.77 -19.93
N PHE B 161 -2.42 5.36 -20.11
CA PHE B 161 -2.89 4.13 -19.47
C PHE B 161 -2.21 2.92 -20.08
N SER B 162 -2.38 2.77 -21.40
CA SER B 162 -1.85 1.61 -22.11
C SER B 162 -0.38 1.45 -21.87
N ARG B 163 0.37 2.56 -21.94
CA ARG B 163 1.80 2.45 -21.73
C ARG B 163 2.09 1.98 -20.30
N ARG B 164 1.26 2.36 -19.35
CA ARG B 164 1.50 1.94 -17.96
C ARG B 164 1.11 0.49 -17.74
N LEU B 165 -0.02 0.07 -18.31
CA LEU B 165 -0.40 -1.34 -18.26
C LEU B 165 0.68 -2.22 -18.84
N ARG B 166 1.18 -1.84 -20.01
CA ARG B 166 2.21 -2.61 -20.70
C ARG B 166 3.48 -2.77 -19.87
N LEU B 167 3.79 -1.81 -19.00
CA LEU B 167 5.05 -1.85 -18.26
C LEU B 167 5.04 -2.91 -17.17
N ARG B 168 3.88 -3.45 -16.84
CA ARG B 168 3.78 -4.41 -15.76
C ARG B 168 4.19 -5.81 -16.20
N LEU B 169 4.59 -6.00 -17.46
CA LEU B 169 5.01 -7.30 -17.96
C LEU B 169 6.25 -7.20 -18.83
N ARG B 170 6.98 -8.32 -18.88
CA ARG B 170 8.09 -8.59 -19.79
C ARG B 170 9.14 -9.37 -19.00
N TRP B 180 -4.93 -6.97 -33.12
CA TRP B 180 -6.25 -6.89 -32.52
C TRP B 180 -6.93 -5.51 -32.74
N THR B 181 -7.96 -5.47 -33.59
CA THR B 181 -8.77 -4.27 -33.78
C THR B 181 -10.23 -4.65 -33.95
N PHE B 182 -11.08 -4.19 -33.02
CA PHE B 182 -12.52 -4.41 -33.07
C PHE B 182 -13.26 -3.25 -33.75
N ASP B 183 -14.59 -3.40 -33.90
CA ASP B 183 -15.34 -2.55 -34.83
C ASP B 183 -16.56 -1.87 -34.22
N GLU B 184 -16.62 -1.73 -32.90
CA GLU B 184 -17.70 -1.11 -32.14
C GLU B 184 -18.88 -2.03 -31.90
N GLN B 185 -18.92 -3.20 -32.51
CA GLN B 185 -19.77 -4.26 -32.00
C GLN B 185 -18.95 -5.39 -31.43
N ARG B 186 -17.84 -5.74 -32.09
CA ARG B 186 -16.91 -6.70 -31.51
C ARG B 186 -16.32 -6.14 -30.23
N ARG B 187 -16.03 -4.84 -30.22
CA ARG B 187 -15.49 -4.18 -29.04
C ARG B 187 -16.44 -4.33 -27.86
N SER B 188 -17.73 -4.22 -28.10
CA SER B 188 -18.69 -4.49 -27.04
C SER B 188 -18.65 -5.96 -26.63
N LEU B 189 -18.28 -6.84 -27.55
CA LEU B 189 -18.19 -8.25 -27.24
C LEU B 189 -16.86 -8.61 -26.58
N ALA B 190 -15.78 -7.92 -26.96
CA ALA B 190 -14.52 -8.11 -26.26
C ALA B 190 -14.63 -7.60 -24.82
N ARG B 191 -15.14 -6.39 -24.64
CA ARG B 191 -15.30 -5.85 -23.28
C ARG B 191 -16.10 -6.81 -22.44
N THR B 192 -17.08 -7.49 -23.06
CA THR B 192 -17.89 -8.47 -22.33
C THR B 192 -17.08 -9.71 -21.98
N LEU B 193 -16.31 -10.24 -22.94
CA LEU B 193 -15.51 -11.42 -22.64
C LEU B 193 -14.47 -11.12 -21.57
N CYS B 194 -13.87 -9.92 -21.62
CA CYS B 194 -12.80 -9.57 -20.68
C CYS B 194 -13.29 -9.60 -19.23
N LEU B 195 -14.45 -9.01 -18.97
CA LEU B 195 -14.98 -9.02 -17.62
C LEU B 195 -15.31 -10.43 -17.17
N LYS B 196 -15.75 -11.29 -18.07
CA LYS B 196 -16.11 -12.64 -17.65
C LYS B 196 -14.87 -13.42 -17.21
N VAL B 197 -13.78 -13.35 -17.98
CA VAL B 197 -12.58 -14.05 -17.56
C VAL B 197 -12.08 -13.50 -16.23
N ALA B 198 -12.18 -12.18 -16.04
CA ALA B 198 -11.66 -11.58 -14.81
C ALA B 198 -12.53 -11.91 -13.60
N ARG B 199 -13.86 -11.95 -13.78
CA ARG B 199 -14.75 -12.34 -12.71
C ARG B 199 -14.51 -13.78 -12.28
N GLN B 200 -13.98 -14.60 -13.16
CA GLN B 200 -13.67 -15.97 -12.78
C GLN B 200 -12.23 -16.09 -12.31
N ALA B 201 -11.30 -15.41 -12.98
CA ALA B 201 -9.87 -15.58 -12.71
C ALA B 201 -9.49 -15.06 -11.32
N SER B 202 -10.26 -14.14 -10.76
CA SER B 202 -10.04 -13.73 -9.38
C SER B 202 -11.36 -13.19 -8.85
N ASP B 203 -12.09 -14.02 -8.11
CA ASP B 203 -13.19 -13.46 -7.36
C ASP B 203 -12.67 -12.45 -6.34
N GLU B 204 -11.39 -12.62 -5.95
CA GLU B 204 -10.79 -11.82 -4.86
C GLU B 204 -10.90 -10.32 -5.09
N CYS B 205 -10.34 -9.81 -6.19
CA CYS B 205 -10.30 -8.36 -6.44
C CYS B 205 -10.97 -8.04 -7.78
N PHE B 206 -12.30 -8.04 -7.80
CA PHE B 206 -13.09 -7.74 -8.98
C PHE B 206 -13.42 -6.24 -9.10
N HIS B 207 -12.74 -5.38 -8.34
CA HIS B 207 -13.11 -3.97 -8.24
C HIS B 207 -12.67 -3.24 -9.49
N LEU B 208 -13.63 -3.00 -10.38
CA LEU B 208 -13.45 -2.33 -11.66
C LEU B 208 -14.58 -1.34 -11.86
CL CL C . 1.55 -11.09 24.18
#